data_6Y1D
#
_entry.id   6Y1D
#
_cell.length_a   82.261
_cell.length_b   111.949
_cell.length_c   62.873
_cell.angle_alpha   90.000
_cell.angle_beta   90.000
_cell.angle_gamma   90.000
#
_symmetry.space_group_name_H-M   'C 2 2 21'
#
loop_
_entity.id
_entity.type
_entity.pdbx_description
1 polymer '14-3-3 protein sigma'
2 polymer 'Estrogen related receptor gamma phosphopeptide'
3 non-polymer 'MAGNESIUM ION'
4 non-polymer 'CHLORIDE ION'
5 water water
#
loop_
_entity_poly.entity_id
_entity_poly.type
_entity_poly.pdbx_seq_one_letter_code
_entity_poly.pdbx_strand_id
1 'polypeptide(L)'
;GAMGSMERASLIQKAKLAEQAERYEDMAAFMKGAVEKGEELSNEERNLLSVAYKNVVGGQRAAWRVLSSIEQKSNEEGSE
EKGPEVREYREKVETELQGVCDTVLGLLDSHLIKEAGDAESRVFYLKMKGDYYRYLAEVATGDDKKRIIDSARSAYQEAM
DISKKEMPPTNPIRLGLALNFSVFHYEIANSPEEAISLAKTTFDEAMADLHTLSEDSYKDSTLIMQLLRDNLTLWT
;
A
2 'polypeptide(L)' KRRRK(SEP)CQA(NH2) B
#
# COMPACT_ATOMS: atom_id res chain seq x y z
N ALA A 2 4.70 -23.12 7.82
CA ALA A 2 5.82 -23.39 8.77
C ALA A 2 5.57 -22.69 10.12
N MET A 3 4.60 -21.77 10.16
CA MET A 3 4.26 -21.12 11.42
C MET A 3 3.10 -21.79 12.15
N GLY A 4 2.58 -22.90 11.64
CA GLY A 4 1.42 -23.51 12.23
C GLY A 4 1.61 -24.01 13.65
N SER A 5 2.85 -24.35 14.03
CA SER A 5 3.10 -24.84 15.37
C SER A 5 3.41 -23.73 16.38
N MET A 6 3.53 -22.49 15.95
CA MET A 6 3.87 -21.41 16.86
C MET A 6 2.63 -20.71 17.35
N GLU A 7 2.60 -20.38 18.63
CA GLU A 7 1.48 -19.66 19.23
C GLU A 7 1.27 -18.32 18.54
N ARG A 8 0.00 -17.92 18.45
CA ARG A 8 -0.31 -16.61 17.88
C ARG A 8 0.44 -15.49 18.60
N ALA A 9 0.43 -15.51 19.94
CA ALA A 9 1.06 -14.41 20.65
C ALA A 9 2.56 -14.38 20.40
N SER A 10 3.18 -15.56 20.26
CA SER A 10 4.60 -15.63 19.98
C SER A 10 4.94 -15.11 18.60
N LEU A 11 4.08 -15.38 17.61
CA LEU A 11 4.26 -14.82 16.27
C LEU A 11 4.22 -13.31 16.31
N ILE A 12 3.26 -12.74 17.04
N ILE A 12 3.30 -12.72 17.06
CA ILE A 12 3.17 -11.29 17.16
CA ILE A 12 3.22 -11.27 17.11
C ILE A 12 4.42 -10.74 17.84
C ILE A 12 4.41 -10.69 17.87
N GLN A 13 4.84 -11.38 18.93
CA GLN A 13 6.04 -10.93 19.65
CA GLN A 13 6.04 -10.94 19.65
C GLN A 13 7.26 -10.94 18.73
N LYS A 14 7.42 -12.00 17.95
CA LYS A 14 8.56 -12.11 17.06
C LYS A 14 8.43 -11.14 15.88
N ALA A 15 7.22 -10.85 15.40
CA ALA A 15 7.08 -9.81 14.38
C ALA A 15 7.61 -8.47 14.88
N LYS A 16 7.35 -8.15 16.15
CA LYS A 16 7.85 -6.89 16.70
C LYS A 16 9.36 -6.90 16.82
N LEU A 17 9.93 -8.03 17.21
CA LEU A 17 11.39 -8.16 17.28
C LEU A 17 12.00 -8.04 15.89
N ALA A 18 11.37 -8.70 14.90
CA ALA A 18 11.87 -8.62 13.54
C ALA A 18 11.83 -7.18 13.04
N GLU A 19 10.79 -6.44 13.39
CA GLU A 19 10.74 -5.03 13.00
C GLU A 19 11.93 -4.26 13.59
N GLN A 20 12.22 -4.48 14.88
CA GLN A 20 13.33 -3.80 15.52
C GLN A 20 14.65 -4.13 14.85
N ALA A 21 14.80 -5.37 14.37
CA ALA A 21 16.00 -5.84 13.71
C ALA A 21 16.03 -5.55 12.21
N GLU A 22 14.99 -4.88 11.70
CA GLU A 22 14.86 -4.59 10.27
C GLU A 22 14.89 -5.86 9.41
N ARG A 23 14.28 -6.92 9.92
CA ARG A 23 14.18 -8.21 9.24
C ARG A 23 12.74 -8.34 8.73
N TYR A 24 12.45 -7.65 7.64
CA TYR A 24 11.06 -7.51 7.22
CA TYR A 24 11.06 -7.50 7.21
C TYR A 24 10.52 -8.76 6.55
N GLU A 25 11.36 -9.53 5.88
N GLU A 25 11.36 -9.54 5.89
CA GLU A 25 10.88 -10.82 5.38
CA GLU A 25 10.86 -10.83 5.39
C GLU A 25 10.43 -11.73 6.53
C GLU A 25 10.42 -11.73 6.53
N ASP A 26 11.23 -11.82 7.59
CA ASP A 26 10.82 -12.59 8.76
C ASP A 26 9.55 -12.01 9.35
N MET A 27 9.50 -10.69 9.49
CA MET A 27 8.32 -10.02 10.04
C MET A 27 7.07 -10.41 9.27
N ALA A 28 7.15 -10.41 7.94
CA ALA A 28 5.98 -10.75 7.14
C ALA A 28 5.60 -12.21 7.31
N ALA A 29 6.59 -13.10 7.36
CA ALA A 29 6.29 -14.51 7.60
C ALA A 29 5.60 -14.72 8.95
N PHE A 30 6.07 -14.03 10.00
CA PHE A 30 5.43 -14.16 11.29
C PHE A 30 3.99 -13.64 11.23
N MET A 31 3.77 -12.49 10.58
CA MET A 31 2.42 -11.93 10.54
C MET A 31 1.49 -12.75 9.64
N LYS A 32 1.99 -13.33 8.55
CA LYS A 32 1.18 -14.29 7.78
C LYS A 32 0.77 -15.46 8.68
N GLY A 33 1.71 -15.98 9.46
CA GLY A 33 1.36 -17.05 10.39
C GLY A 33 0.29 -16.62 11.36
N ALA A 34 0.40 -15.39 11.87
CA ALA A 34 -0.61 -14.89 12.81
C ALA A 34 -1.98 -14.77 12.14
N VAL A 35 -2.03 -14.20 10.93
CA VAL A 35 -3.30 -14.12 10.23
C VAL A 35 -3.91 -15.51 10.05
N GLU A 36 -3.08 -16.49 9.69
CA GLU A 36 -3.59 -17.83 9.38
C GLU A 36 -4.09 -18.56 10.62
N LYS A 37 -3.90 -18.02 11.82
CA LYS A 37 -4.56 -18.58 12.99
C LYS A 37 -6.08 -18.42 12.93
N GLY A 38 -6.58 -17.50 12.11
CA GLY A 38 -8.00 -17.38 11.85
C GLY A 38 -8.72 -16.36 12.70
N GLU A 39 -8.09 -15.78 13.70
CA GLU A 39 -8.72 -14.73 14.47
C GLU A 39 -8.55 -13.37 13.81
N GLU A 40 -9.49 -12.47 14.06
CA GLU A 40 -9.36 -11.09 13.59
C GLU A 40 -8.11 -10.45 14.19
N LEU A 41 -7.63 -9.41 13.53
N LEU A 41 -7.64 -9.39 13.54
CA LEU A 41 -6.46 -8.66 13.97
CA LEU A 41 -6.45 -8.68 13.98
C LEU A 41 -6.89 -7.39 14.68
C LEU A 41 -6.84 -7.36 14.64
N SER A 42 -6.17 -7.04 15.74
CA SER A 42 -6.34 -5.76 16.37
C SER A 42 -5.70 -4.65 15.54
N ASN A 43 -5.92 -3.40 15.95
CA ASN A 43 -5.33 -2.26 15.26
C ASN A 43 -3.81 -2.40 15.18
N GLU A 44 -3.17 -2.69 16.31
CA GLU A 44 -1.71 -2.82 16.31
C GLU A 44 -1.26 -3.95 15.39
N GLU A 45 -1.98 -5.07 15.42
CA GLU A 45 -1.61 -6.22 14.59
C GLU A 45 -1.79 -5.93 13.11
N ARG A 46 -2.86 -5.22 12.73
CA ARG A 46 -3.01 -4.82 11.34
C ARG A 46 -1.84 -3.96 10.91
N ASN A 47 -1.41 -3.04 11.78
CA ASN A 47 -0.28 -2.18 11.43
C ASN A 47 0.99 -3.00 11.26
N LEU A 48 1.20 -4.02 12.08
CA LEU A 48 2.39 -4.85 11.91
C LEU A 48 2.35 -5.58 10.58
N LEU A 49 1.19 -6.13 10.22
CA LEU A 49 1.04 -6.80 8.94
C LEU A 49 1.41 -5.87 7.79
N SER A 50 0.89 -4.64 7.84
CA SER A 50 1.13 -3.69 6.78
C SER A 50 2.59 -3.25 6.72
N VAL A 51 3.19 -2.94 7.87
CA VAL A 51 4.61 -2.57 7.89
C VAL A 51 5.45 -3.66 7.24
N ALA A 52 5.20 -4.91 7.61
CA ALA A 52 6.04 -6.00 7.13
C ALA A 52 5.99 -6.09 5.62
N TYR A 53 4.78 -6.21 5.06
CA TYR A 53 4.66 -6.44 3.63
C TYR A 53 4.99 -5.19 2.83
N LYS A 54 4.71 -3.99 3.35
CA LYS A 54 5.09 -2.80 2.60
C LYS A 54 6.61 -2.70 2.46
N ASN A 55 7.35 -3.08 3.49
CA ASN A 55 8.80 -3.05 3.39
C ASN A 55 9.30 -4.12 2.44
N VAL A 56 8.75 -5.33 2.49
CA VAL A 56 9.19 -6.39 1.58
C VAL A 56 8.91 -5.96 0.15
N VAL A 57 7.66 -5.61 -0.17
CA VAL A 57 7.35 -5.28 -1.55
CA VAL A 57 7.36 -5.28 -1.56
C VAL A 57 8.05 -3.99 -1.96
N GLY A 58 8.28 -3.08 -1.01
CA GLY A 58 8.97 -1.84 -1.36
C GLY A 58 10.37 -2.10 -1.86
N GLY A 59 11.08 -3.04 -1.25
CA GLY A 59 12.40 -3.39 -1.74
C GLY A 59 12.33 -4.04 -3.11
N GLN A 60 11.34 -4.89 -3.34
CA GLN A 60 11.19 -5.53 -4.63
C GLN A 60 10.87 -4.50 -5.72
N ARG A 61 9.97 -3.56 -5.41
CA ARG A 61 9.57 -2.56 -6.40
C ARG A 61 10.76 -1.67 -6.76
N ALA A 62 11.54 -1.26 -5.78
CA ALA A 62 12.70 -0.43 -6.06
C ALA A 62 13.68 -1.19 -6.96
N ALA A 63 13.91 -2.48 -6.65
CA ALA A 63 14.81 -3.28 -7.47
C ALA A 63 14.26 -3.45 -8.88
N TRP A 64 12.96 -3.73 -9.00
CA TRP A 64 12.32 -3.83 -10.30
C TRP A 64 12.53 -2.57 -11.12
N ARG A 65 12.37 -1.40 -10.51
CA ARG A 65 12.53 -0.16 -11.26
C ARG A 65 13.96 0.01 -11.75
N VAL A 66 14.95 -0.36 -10.95
CA VAL A 66 16.35 -0.27 -11.39
C VAL A 66 16.55 -1.15 -12.61
N LEU A 67 16.05 -2.39 -12.54
CA LEU A 67 16.26 -3.35 -13.61
C LEU A 67 15.47 -2.98 -14.85
N SER A 68 14.23 -2.49 -14.67
CA SER A 68 13.43 -2.05 -15.82
CA SER A 68 13.44 -2.05 -15.82
C SER A 68 14.11 -0.90 -16.55
N SER A 69 14.73 0.03 -15.80
CA SER A 69 15.43 1.12 -16.45
C SER A 69 16.61 0.62 -17.27
N ILE A 70 17.39 -0.31 -16.72
CA ILE A 70 18.50 -0.88 -17.46
C ILE A 70 17.99 -1.56 -18.73
N GLU A 71 16.91 -2.31 -18.61
CA GLU A 71 16.35 -3.03 -19.74
C GLU A 71 15.89 -2.05 -20.81
N GLN A 72 15.24 -0.95 -20.40
CA GLN A 72 14.76 0.01 -21.38
C GLN A 72 15.91 0.66 -22.12
N LYS A 73 16.98 1.02 -21.40
CA LYS A 73 18.14 1.60 -22.07
C LYS A 73 18.77 0.62 -23.05
N SER A 74 18.75 -0.67 -22.71
CA SER A 74 19.36 -1.67 -23.59
C SER A 74 18.58 -1.85 -24.89
N ASN A 75 17.33 -1.40 -24.95
CA ASN A 75 16.54 -1.49 -26.17
C ASN A 75 16.43 -0.15 -26.90
N GLU A 76 17.35 0.77 -26.63
CA GLU A 76 17.42 2.00 -27.41
C GLU A 76 18.30 1.78 -28.64
N GLU A 77 18.05 2.57 -29.69
CA GLU A 77 18.91 2.54 -30.86
C GLU A 77 20.36 2.78 -30.43
N GLY A 78 21.26 1.98 -30.98
CA GLY A 78 22.68 2.11 -30.70
C GLY A 78 23.17 1.27 -29.54
N SER A 79 22.28 0.71 -28.73
CA SER A 79 22.71 -0.09 -27.58
C SER A 79 23.21 -1.45 -28.07
N GLU A 80 24.27 -1.93 -27.42
CA GLU A 80 24.81 -3.24 -27.77
C GLU A 80 23.92 -4.35 -27.24
N GLU A 81 23.84 -5.44 -28.00
CA GLU A 81 23.11 -6.61 -27.57
C GLU A 81 23.91 -7.33 -26.49
N LYS A 82 23.34 -7.41 -25.29
CA LYS A 82 23.99 -8.08 -24.18
C LYS A 82 23.35 -9.42 -23.85
N GLY A 83 22.39 -9.88 -24.66
CA GLY A 83 21.76 -11.16 -24.41
C GLY A 83 20.52 -11.04 -23.55
N PRO A 84 20.01 -12.19 -23.11
CA PRO A 84 18.72 -12.23 -22.41
C PRO A 84 18.80 -11.93 -20.92
N GLU A 85 19.99 -11.69 -20.38
CA GLU A 85 20.17 -11.71 -18.94
C GLU A 85 19.40 -10.60 -18.22
N VAL A 86 19.38 -9.39 -18.78
CA VAL A 86 18.68 -8.30 -18.11
C VAL A 86 17.20 -8.60 -18.02
N ARG A 87 16.60 -9.00 -19.13
CA ARG A 87 15.19 -9.39 -19.13
C ARG A 87 14.94 -10.53 -18.16
N GLU A 88 15.80 -11.55 -18.18
CA GLU A 88 15.59 -12.70 -17.31
C GLU A 88 15.58 -12.28 -15.85
N TYR A 89 16.54 -11.45 -15.47
CA TYR A 89 16.66 -11.07 -14.06
C TYR A 89 15.53 -10.11 -13.65
N ARG A 90 15.17 -9.15 -14.52
CA ARG A 90 13.97 -8.36 -14.28
C ARG A 90 12.75 -9.25 -14.10
N GLU A 91 12.62 -10.28 -14.94
CA GLU A 91 11.49 -11.20 -14.81
C GLU A 91 11.52 -11.95 -13.49
N LYS A 92 12.72 -12.34 -13.03
CA LYS A 92 12.84 -13.05 -11.77
C LYS A 92 12.33 -12.20 -10.63
N VAL A 93 12.81 -10.96 -10.56
CA VAL A 93 12.37 -10.05 -9.51
C VAL A 93 10.88 -9.77 -9.64
N GLU A 94 10.40 -9.58 -10.87
CA GLU A 94 8.98 -9.33 -11.10
C GLU A 94 8.13 -10.47 -10.59
N THR A 95 8.54 -11.71 -10.86
CA THR A 95 7.76 -12.87 -10.45
C THR A 95 7.72 -12.96 -8.93
N GLU A 96 8.83 -12.65 -8.27
CA GLU A 96 8.86 -12.67 -6.80
CA GLU A 96 8.84 -12.68 -6.81
C GLU A 96 7.95 -11.60 -6.23
N LEU A 97 8.00 -10.40 -6.81
CA LEU A 97 7.10 -9.31 -6.41
C LEU A 97 5.64 -9.71 -6.58
N GLN A 98 5.29 -10.26 -7.74
CA GLN A 98 3.92 -10.69 -7.97
C GLN A 98 3.51 -11.75 -6.96
N GLY A 99 4.44 -12.63 -6.60
CA GLY A 99 4.13 -13.62 -5.59
C GLY A 99 3.81 -13.02 -4.23
N VAL A 100 4.57 -12.01 -3.83
CA VAL A 100 4.27 -11.35 -2.56
C VAL A 100 2.91 -10.66 -2.62
N CYS A 101 2.62 -9.95 -3.71
CA CYS A 101 1.30 -9.35 -3.86
C CYS A 101 0.19 -10.37 -3.80
N ASP A 102 0.36 -11.52 -4.47
CA ASP A 102 -0.66 -12.55 -4.45
C ASP A 102 -0.84 -13.11 -3.05
N THR A 103 0.26 -13.23 -2.31
CA THR A 103 0.16 -13.70 -0.92
C THR A 103 -0.66 -12.75 -0.07
N VAL A 104 -0.38 -11.45 -0.16
CA VAL A 104 -1.14 -10.48 0.62
C VAL A 104 -2.61 -10.49 0.19
N LEU A 105 -2.86 -10.46 -1.13
CA LEU A 105 -4.23 -10.49 -1.60
C LEU A 105 -4.92 -11.75 -1.13
N GLY A 106 -4.20 -12.86 -1.06
CA GLY A 106 -4.80 -14.09 -0.58
C GLY A 106 -5.17 -14.03 0.89
N LEU A 107 -4.35 -13.39 1.71
CA LEU A 107 -4.72 -13.23 3.12
C LEU A 107 -5.95 -12.35 3.26
N LEU A 108 -6.03 -11.29 2.45
CA LEU A 108 -7.19 -10.42 2.50
C LEU A 108 -8.45 -11.16 2.09
N ASP A 109 -8.36 -12.02 1.08
CA ASP A 109 -9.52 -12.75 0.60
C ASP A 109 -9.87 -13.96 1.46
N SER A 110 -8.94 -14.47 2.24
CA SER A 110 -9.13 -15.69 3.03
C SER A 110 -8.47 -15.48 4.39
N HIS A 111 -9.13 -14.78 5.33
CA HIS A 111 -10.51 -14.27 5.25
C HIS A 111 -10.63 -12.91 5.93
N LEU A 112 -9.59 -12.07 5.81
CA LEU A 112 -9.56 -10.85 6.61
C LEU A 112 -10.71 -9.90 6.25
N ILE A 113 -10.93 -9.66 4.96
CA ILE A 113 -11.94 -8.67 4.58
C ILE A 113 -13.34 -9.10 5.01
N LYS A 114 -13.71 -10.35 4.75
CA LYS A 114 -15.08 -10.77 5.00
C LYS A 114 -15.43 -10.72 6.47
N GLU A 115 -14.44 -10.84 7.35
CA GLU A 115 -14.70 -10.78 8.80
C GLU A 115 -14.62 -9.36 9.39
N ALA A 116 -14.19 -8.39 8.58
CA ALA A 116 -13.93 -7.04 9.04
C ALA A 116 -15.20 -6.20 8.92
N GLY A 117 -15.81 -5.89 10.07
CA GLY A 117 -17.06 -5.14 10.11
C GLY A 117 -16.92 -3.71 10.56
N ASP A 118 -15.94 -3.39 11.40
CA ASP A 118 -15.76 -2.01 11.81
C ASP A 118 -15.11 -1.22 10.68
N ALA A 119 -15.44 0.07 10.60
CA ALA A 119 -14.91 0.87 9.50
C ALA A 119 -13.39 0.89 9.51
N GLU A 120 -12.77 0.99 10.68
CA GLU A 120 -11.33 1.12 10.74
C GLU A 120 -10.63 -0.13 10.21
N SER A 121 -11.20 -1.30 10.46
CA SER A 121 -10.57 -2.50 9.92
C SER A 121 -10.91 -2.69 8.46
N ARG A 122 -12.18 -2.51 8.09
CA ARG A 122 -12.59 -2.78 6.72
C ARG A 122 -11.90 -1.84 5.74
N VAL A 123 -11.87 -0.54 6.05
CA VAL A 123 -11.18 0.42 5.20
C VAL A 123 -9.70 0.10 5.09
N PHE A 124 -9.07 -0.25 6.21
CA PHE A 124 -7.66 -0.62 6.22
C PHE A 124 -7.41 -1.76 5.24
N TYR A 125 -8.23 -2.80 5.30
CA TYR A 125 -7.96 -3.97 4.45
C TYR A 125 -8.26 -3.68 2.99
N LEU A 126 -9.32 -2.92 2.73
CA LEU A 126 -9.66 -2.58 1.35
C LEU A 126 -8.60 -1.67 0.73
N LYS A 127 -8.06 -0.74 1.52
N LYS A 127 -8.07 -0.74 1.51
CA LYS A 127 -6.91 0.03 1.05
CA LYS A 127 -6.91 0.03 1.05
C LYS A 127 -5.75 -0.88 0.71
C LYS A 127 -5.75 -0.88 0.70
N MET A 128 -5.47 -1.87 1.56
CA MET A 128 -4.39 -2.80 1.27
CA MET A 128 -4.40 -2.82 1.28
C MET A 128 -4.67 -3.54 -0.04
N LYS A 129 -5.91 -3.98 -0.25
CA LYS A 129 -6.26 -4.66 -1.49
C LYS A 129 -5.98 -3.76 -2.68
N GLY A 130 -6.41 -2.50 -2.60
CA GLY A 130 -6.10 -1.56 -3.68
C GLY A 130 -4.61 -1.41 -3.90
N ASP A 131 -3.85 -1.27 -2.82
CA ASP A 131 -2.39 -1.08 -2.90
C ASP A 131 -1.71 -2.26 -3.62
N TYR A 132 -2.05 -3.50 -3.23
CA TYR A 132 -1.32 -4.64 -3.82
C TYR A 132 -1.77 -4.91 -5.24
N TYR A 133 -3.02 -4.61 -5.59
CA TYR A 133 -3.38 -4.61 -7.00
C TYR A 133 -2.66 -3.50 -7.75
N ARG A 134 -2.46 -2.33 -7.12
CA ARG A 134 -1.71 -1.27 -7.77
C ARG A 134 -0.26 -1.69 -8.03
N TYR A 135 0.37 -2.39 -7.07
CA TYR A 135 1.74 -2.87 -7.32
C TYR A 135 1.76 -3.90 -8.44
N LEU A 136 0.75 -4.78 -8.52
CA LEU A 136 0.62 -5.65 -9.68
C LEU A 136 0.48 -4.84 -10.98
N ALA A 137 -0.30 -3.76 -10.94
CA ALA A 137 -0.49 -2.94 -12.13
C ALA A 137 0.80 -2.27 -12.58
N GLU A 138 1.68 -1.92 -11.64
CA GLU A 138 2.92 -1.25 -11.98
C GLU A 138 3.77 -2.10 -12.92
N VAL A 139 3.67 -3.43 -12.83
CA VAL A 139 4.49 -4.33 -13.65
C VAL A 139 3.71 -5.01 -14.75
N ALA A 140 2.40 -4.79 -14.82
CA ALA A 140 1.58 -5.51 -15.78
C ALA A 140 1.74 -4.92 -17.17
N THR A 141 1.77 -5.81 -18.18
CA THR A 141 1.90 -5.40 -19.57
C THR A 141 0.98 -6.14 -20.53
N GLY A 142 0.31 -7.20 -20.06
CA GLY A 142 -0.45 -8.06 -20.93
C GLY A 142 -1.95 -7.81 -20.96
N ASP A 143 -2.68 -8.88 -21.30
CA ASP A 143 -4.11 -8.80 -21.60
C ASP A 143 -4.99 -8.62 -20.36
N ASP A 144 -4.44 -8.86 -19.16
CA ASP A 144 -5.20 -8.62 -17.94
C ASP A 144 -4.88 -7.29 -17.25
N LYS A 145 -4.03 -6.46 -17.86
CA LYS A 145 -3.64 -5.20 -17.25
C LYS A 145 -4.86 -4.36 -16.90
N LYS A 146 -5.80 -4.24 -17.83
CA LYS A 146 -6.99 -3.44 -17.56
C LYS A 146 -7.77 -4.02 -16.39
N ARG A 147 -7.86 -5.35 -16.29
CA ARG A 147 -8.61 -5.93 -15.19
C ARG A 147 -7.86 -5.75 -13.86
N ILE A 148 -6.53 -5.80 -13.87
CA ILE A 148 -5.78 -5.54 -12.63
C ILE A 148 -6.02 -4.12 -12.17
N ILE A 149 -5.95 -3.17 -13.11
CA ILE A 149 -6.20 -1.77 -12.80
C ILE A 149 -7.60 -1.60 -12.24
N ASP A 150 -8.59 -2.26 -12.86
CA ASP A 150 -9.94 -2.10 -12.36
C ASP A 150 -10.11 -2.73 -10.97
N SER A 151 -9.38 -3.80 -10.68
CA SER A 151 -9.45 -4.40 -9.35
C SER A 151 -8.90 -3.43 -8.31
N ALA A 152 -7.81 -2.75 -8.63
CA ALA A 152 -7.30 -1.75 -7.69
C ALA A 152 -8.33 -0.64 -7.49
N ARG A 153 -8.86 -0.12 -8.60
CA ARG A 153 -9.84 0.96 -8.53
CA ARG A 153 -9.84 0.96 -8.54
C ARG A 153 -11.03 0.57 -7.68
N SER A 154 -11.55 -0.63 -7.91
CA SER A 154 -12.76 -1.07 -7.20
C SER A 154 -12.52 -1.16 -5.70
N ALA A 155 -11.38 -1.70 -5.30
CA ALA A 155 -11.08 -1.82 -3.87
C ALA A 155 -10.94 -0.44 -3.23
N TYR A 156 -10.16 0.43 -3.88
CA TYR A 156 -10.03 1.80 -3.38
C TYR A 156 -11.38 2.49 -3.30
N GLN A 157 -12.24 2.31 -4.30
CA GLN A 157 -13.53 3.00 -4.30
C GLN A 157 -14.41 2.53 -3.17
N GLU A 158 -14.46 1.21 -2.90
CA GLU A 158 -15.24 0.75 -1.78
C GLU A 158 -14.69 1.28 -0.46
N ALA A 159 -13.37 1.33 -0.34
CA ALA A 159 -12.77 1.89 0.87
C ALA A 159 -13.10 3.37 1.02
N MET A 160 -13.06 4.12 -0.08
CA MET A 160 -13.40 5.53 -0.02
C MET A 160 -14.84 5.72 0.41
N ASP A 161 -15.75 4.93 -0.17
CA ASP A 161 -17.17 5.10 0.14
C ASP A 161 -17.41 4.87 1.63
N ILE A 162 -16.81 3.83 2.21
CA ILE A 162 -16.98 3.57 3.63
C ILE A 162 -16.33 4.67 4.45
N SER A 163 -15.13 5.08 4.07
CA SER A 163 -14.41 6.06 4.87
C SER A 163 -15.14 7.39 4.90
N LYS A 164 -15.74 7.79 3.79
CA LYS A 164 -16.49 9.06 3.78
C LYS A 164 -17.74 9.00 4.65
N LYS A 165 -18.37 7.83 4.73
CA LYS A 165 -19.58 7.71 5.53
CA LYS A 165 -19.59 7.69 5.53
C LYS A 165 -19.28 7.53 7.02
N GLU A 166 -18.18 6.85 7.37
CA GLU A 166 -17.98 6.37 8.72
C GLU A 166 -16.81 6.97 9.48
N MET A 167 -15.95 7.77 8.85
CA MET A 167 -14.77 8.29 9.51
CA MET A 167 -14.76 8.29 9.50
C MET A 167 -14.69 9.79 9.32
N PRO A 168 -14.10 10.52 10.26
CA PRO A 168 -13.92 11.96 10.09
C PRO A 168 -12.86 12.24 9.04
N PRO A 169 -12.88 13.43 8.44
CA PRO A 169 -11.95 13.73 7.35
C PRO A 169 -10.50 13.75 7.77
N THR A 170 -10.20 13.83 9.08
CA THR A 170 -8.83 13.79 9.56
C THR A 170 -8.35 12.40 9.95
N ASN A 171 -9.21 11.38 9.87
CA ASN A 171 -8.79 10.04 10.27
C ASN A 171 -7.56 9.62 9.48
N PRO A 172 -6.48 9.18 10.13
CA PRO A 172 -5.26 8.83 9.37
C PRO A 172 -5.45 7.75 8.33
N ILE A 173 -6.33 6.78 8.57
CA ILE A 173 -6.56 5.75 7.58
C ILE A 173 -7.23 6.35 6.36
N ARG A 174 -8.26 7.16 6.58
CA ARG A 174 -8.93 7.86 5.49
C ARG A 174 -7.94 8.69 4.69
N LEU A 175 -7.08 9.43 5.38
CA LEU A 175 -6.12 10.29 4.69
C LEU A 175 -5.14 9.48 3.84
N GLY A 176 -4.59 8.40 4.43
CA GLY A 176 -3.64 7.58 3.69
C GLY A 176 -4.28 6.87 2.51
N LEU A 177 -5.54 6.45 2.65
CA LEU A 177 -6.28 5.89 1.54
C LEU A 177 -6.39 6.89 0.41
N ALA A 178 -6.82 8.12 0.72
CA ALA A 178 -6.97 9.15 -0.31
C ALA A 178 -5.63 9.45 -0.97
N LEU A 179 -4.56 9.54 -0.17
CA LEU A 179 -3.22 9.73 -0.73
C LEU A 179 -2.90 8.66 -1.78
N ASN A 180 -3.12 7.39 -1.43
CA ASN A 180 -2.74 6.32 -2.34
C ASN A 180 -3.68 6.22 -3.54
N PHE A 181 -4.98 6.47 -3.35
CA PHE A 181 -5.90 6.47 -4.48
C PHE A 181 -5.55 7.60 -5.45
N SER A 182 -5.12 8.74 -4.91
CA SER A 182 -4.68 9.84 -5.76
CA SER A 182 -4.68 9.84 -5.76
C SER A 182 -3.45 9.43 -6.57
N VAL A 183 -2.49 8.74 -5.94
CA VAL A 183 -1.34 8.23 -6.68
C VAL A 183 -1.77 7.24 -7.76
N PHE A 184 -2.69 6.33 -7.42
CA PHE A 184 -3.28 5.45 -8.41
C PHE A 184 -3.81 6.24 -9.61
N HIS A 185 -4.61 7.27 -9.36
CA HIS A 185 -5.14 8.06 -10.48
C HIS A 185 -4.03 8.66 -11.31
N TYR A 186 -3.02 9.24 -10.66
CA TYR A 186 -1.99 9.97 -11.37
C TYR A 186 -1.14 9.04 -12.23
N GLU A 187 -0.72 7.91 -11.65
CA GLU A 187 0.39 7.08 -12.13
C GLU A 187 -0.08 5.84 -12.86
N ILE A 188 -1.23 5.32 -12.49
CA ILE A 188 -1.75 4.06 -13.02
C ILE A 188 -2.89 4.30 -14.00
N ALA A 189 -3.85 5.15 -13.63
CA ALA A 189 -5.04 5.34 -14.44
C ALA A 189 -4.93 6.48 -15.42
N ASN A 190 -3.77 7.11 -15.53
CA ASN A 190 -3.58 8.21 -16.49
C ASN A 190 -4.62 9.32 -16.28
N SER A 191 -4.89 9.64 -15.01
CA SER A 191 -5.92 10.63 -14.64
C SER A 191 -5.32 11.65 -13.69
N PRO A 192 -4.34 12.44 -14.14
CA PRO A 192 -3.71 13.41 -13.24
C PRO A 192 -4.70 14.43 -12.68
N GLU A 193 -5.70 14.86 -13.45
CA GLU A 193 -6.64 15.84 -12.89
C GLU A 193 -7.44 15.23 -11.74
N GLU A 194 -7.87 13.98 -11.86
CA GLU A 194 -8.57 13.32 -10.77
C GLU A 194 -7.66 13.20 -9.55
N ALA A 195 -6.39 12.89 -9.79
CA ALA A 195 -5.43 12.76 -8.69
C ALA A 195 -5.29 14.08 -7.94
N ILE A 196 -5.16 15.18 -8.67
CA ILE A 196 -4.98 16.49 -8.07
C ILE A 196 -6.25 16.91 -7.34
N SER A 197 -7.41 16.71 -7.95
CA SER A 197 -8.67 17.07 -7.30
CA SER A 197 -8.66 17.08 -7.30
C SER A 197 -8.86 16.30 -6.00
N LEU A 198 -8.58 15.01 -6.02
CA LEU A 198 -8.75 14.21 -4.81
C LEU A 198 -7.78 14.67 -3.72
N ALA A 199 -6.52 14.90 -4.07
CA ALA A 199 -5.57 15.34 -3.05
C ALA A 199 -5.98 16.67 -2.45
N LYS A 200 -6.41 17.61 -3.30
CA LYS A 200 -6.76 18.93 -2.81
C LYS A 200 -8.00 18.89 -1.91
N THR A 201 -9.07 18.22 -2.36
CA THR A 201 -10.28 18.11 -1.56
CA THR A 201 -10.28 18.14 -1.55
C THR A 201 -10.01 17.41 -0.24
N THR A 202 -9.21 16.35 -0.28
CA THR A 202 -8.88 15.63 0.96
C THR A 202 -8.15 16.55 1.92
N PHE A 203 -7.14 17.27 1.42
CA PHE A 203 -6.37 18.18 2.26
C PHE A 203 -7.29 19.23 2.87
N ASP A 204 -8.13 19.84 2.06
CA ASP A 204 -8.93 20.97 2.53
C ASP A 204 -9.97 20.52 3.56
N GLU A 205 -10.58 19.37 3.34
CA GLU A 205 -11.58 18.87 4.29
C GLU A 205 -10.91 18.44 5.59
N ALA A 206 -9.69 17.93 5.52
CA ALA A 206 -8.97 17.64 6.76
C ALA A 206 -8.63 18.92 7.51
N MET A 207 -8.10 19.93 6.81
CA MET A 207 -7.77 21.19 7.44
CA MET A 207 -7.77 21.21 7.42
C MET A 207 -8.92 21.71 8.28
N ALA A 208 -10.13 21.67 7.74
CA ALA A 208 -11.30 22.23 8.40
C ALA A 208 -11.73 21.45 9.61
N ASP A 209 -11.23 20.23 9.81
CA ASP A 209 -11.61 19.37 10.93
C ASP A 209 -10.50 19.28 11.98
N LEU A 210 -9.33 19.87 11.74
CA LEU A 210 -8.23 19.78 12.70
C LEU A 210 -8.60 20.36 14.05
N HIS A 211 -9.51 21.35 14.07
CA HIS A 211 -9.85 22.03 15.32
C HIS A 211 -10.47 21.09 16.34
N THR A 212 -10.98 19.94 15.91
CA THR A 212 -11.66 19.01 16.80
C THR A 212 -10.70 18.08 17.52
N LEU A 213 -9.41 18.10 17.19
CA LEU A 213 -8.47 17.07 17.58
C LEU A 213 -7.63 17.47 18.77
N SER A 214 -7.18 16.45 19.51
CA SER A 214 -6.12 16.64 20.48
C SER A 214 -4.79 16.93 19.79
N GLU A 215 -3.79 17.32 20.59
CA GLU A 215 -2.47 17.58 20.05
C GLU A 215 -1.90 16.34 19.37
N ASP A 216 -2.07 15.16 19.98
CA ASP A 216 -1.48 13.96 19.43
C ASP A 216 -2.18 13.56 18.12
N SER A 217 -3.50 13.69 18.06
CA SER A 217 -4.22 13.37 16.84
C SER A 217 -3.89 14.39 15.74
N TYR A 218 -3.77 15.66 16.12
CA TYR A 218 -3.35 16.69 15.18
CA TYR A 218 -3.35 16.69 15.18
C TYR A 218 -2.01 16.34 14.55
N LYS A 219 -1.05 15.88 15.34
CA LYS A 219 0.23 15.47 14.80
CA LYS A 219 0.23 15.47 14.80
C LYS A 219 0.07 14.33 13.80
N ASP A 220 -0.75 13.33 14.15
CA ASP A 220 -0.93 12.18 13.28
C ASP A 220 -1.52 12.61 11.95
N SER A 221 -2.55 13.46 12.01
CA SER A 221 -3.24 13.84 10.78
C SER A 221 -2.40 14.77 9.93
N THR A 222 -1.75 15.76 10.54
CA THR A 222 -0.98 16.71 9.75
C THR A 222 0.21 16.05 9.05
N LEU A 223 0.78 14.99 9.65
CA LEU A 223 1.88 14.30 8.99
C LEU A 223 1.44 13.78 7.62
N ILE A 224 0.25 13.20 7.55
CA ILE A 224 -0.22 12.65 6.28
C ILE A 224 -0.69 13.76 5.36
N MET A 225 -1.30 14.81 5.91
CA MET A 225 -1.65 15.95 5.08
C MET A 225 -0.44 16.51 4.36
N GLN A 226 0.72 16.50 5.02
CA GLN A 226 1.92 17.00 4.37
C GLN A 226 2.30 16.15 3.17
N LEU A 227 2.05 14.85 3.21
CA LEU A 227 2.30 14.02 2.04
C LEU A 227 1.38 14.40 0.88
N LEU A 228 0.11 14.70 1.17
CA LEU A 228 -0.77 15.21 0.13
C LEU A 228 -0.25 16.50 -0.46
N ARG A 229 0.19 17.42 0.40
CA ARG A 229 0.76 18.68 -0.10
C ARG A 229 2.02 18.43 -0.93
N ASP A 230 2.87 17.50 -0.49
CA ASP A 230 4.06 17.19 -1.25
C ASP A 230 3.69 16.79 -2.67
N ASN A 231 2.69 15.94 -2.83
CA ASN A 231 2.28 15.51 -4.17
C ASN A 231 1.68 16.66 -4.96
N LEU A 232 0.85 17.47 -4.32
CA LEU A 232 0.30 18.62 -5.04
C LEU A 232 1.40 19.55 -5.53
N THR A 233 2.42 19.76 -4.72
CA THR A 233 3.52 20.62 -5.15
CA THR A 233 3.51 20.63 -5.15
C THR A 233 4.28 20.01 -6.32
N LEU A 234 4.47 18.69 -6.30
CA LEU A 234 5.15 18.02 -7.40
C LEU A 234 4.34 18.06 -8.68
N TRP A 235 3.01 18.00 -8.56
CA TRP A 235 2.14 17.76 -9.70
C TRP A 235 1.58 19.04 -10.32
N THR A 236 1.73 20.17 -9.64
CA THR A 236 1.18 21.44 -10.12
C THR A 236 2.27 22.51 -10.18
N ARG B 2 12.36 14.47 -7.10
CA ARG B 2 11.36 14.15 -6.09
C ARG B 2 10.42 13.04 -6.59
N ARG B 3 10.34 11.93 -5.84
CA ARG B 3 9.38 10.87 -6.12
C ARG B 3 8.10 11.14 -5.32
N ARG B 4 6.96 10.98 -5.99
CA ARG B 4 5.69 11.21 -5.33
C ARG B 4 5.54 10.32 -4.10
N LYS B 5 4.75 10.81 -3.14
CA LYS B 5 4.59 10.11 -1.88
C LYS B 5 3.39 9.16 -1.89
N CYS B 7 1.56 6.26 1.06
N CYS B 7 1.57 6.25 1.08
CA CYS B 7 1.43 6.16 2.52
CA CYS B 7 1.48 6.26 2.52
C CYS B 7 2.57 5.34 3.12
C CYS B 7 2.58 5.38 3.10
N GLN B 8 3.03 5.76 4.29
CA GLN B 8 4.07 5.02 5.00
C GLN B 8 3.65 3.58 5.25
N ALA B 9 4.66 2.72 5.23
CA ALA B 9 4.49 1.31 5.56
C ALA B 9 3.79 1.17 6.91
#